data_8P3K
#
_entry.id   8P3K
#
_cell.length_a   60.896
_cell.length_b   76.536
_cell.length_c   117.795
_cell.angle_alpha   90.00
_cell.angle_beta   90.00
_cell.angle_gamma   90.00
#
_symmetry.space_group_name_H-M   'P 21 21 21'
#
loop_
_entity.id
_entity.type
_entity.pdbx_description
1 polymer 'Synaptotagmin-like protein 2,Ras-related protein Rab-27A'
2 non-polymer 'PHOSPHOAMINOPHOSPHONIC ACID-GUANYLATE ESTER'
3 non-polymer (2~{S})-~{N}-(3-methoxyphenyl)-1-[4-(prop-2-enoylamino)phenyl]sulfonyl-pyrrolidine-2-carboxamide
4 non-polymer GLYCEROL
5 non-polymer 'MAGNESIUM ION'
6 water water
#
_entity_poly.entity_id   1
_entity_poly.type   'polypeptide(L)'
_entity_poly.pdbx_seq_one_letter_code
;GHMSFLTEEEQEAIMKVLQRDAALKRAEEERGSGSGSGMSDGDYDYLIKFLALGDSGVGKTSVLYQYTDGKFNSKFITTV
GIDFREKRVVYRASGPDGATGRGQRIHLQLWDTAGLERFRSLTTAFFRDAMGFLLLFDLTNEQSFLNVRNWISQLQMHAY
AENPDIVLCGNKSDLEDQRVVKEEEAIALAEKYGIPYFETSAANGTNISQAIEMLLDLIMKRMERSVDKS
;
_entity_poly.pdbx_strand_id   A,B
#
loop_
_chem_comp.id
_chem_comp.type
_chem_comp.name
_chem_comp.formula
GNP non-polymer 'PHOSPHOAMINOPHOSPHONIC ACID-GUANYLATE ESTER' 'C10 H17 N6 O13 P3'
GOL non-polymer GLYCEROL 'C3 H8 O3'
MG non-polymer 'MAGNESIUM ION' 'Mg 2'
WTB non-polymer (2~{S})-~{N}-(3-methoxyphenyl)-1-[4-(prop-2-enoylamino)phenyl]sulfonyl-pyrrolidine-2-carboxamide 'C21 H23 N3 O5 S'
#
# COMPACT_ATOMS: atom_id res chain seq x y z
N GLY A 1 -24.81 7.86 0.42
CA GLY A 1 -24.16 8.58 1.50
C GLY A 1 -23.34 9.74 0.98
N HIS A 2 -22.66 10.46 1.89
CA HIS A 2 -21.96 11.70 1.55
C HIS A 2 -20.62 11.74 2.33
N MET A 3 -19.67 10.91 1.89
CA MET A 3 -18.41 10.71 2.58
C MET A 3 -17.42 11.81 2.23
N SER A 4 -16.97 12.55 3.24
CA SER A 4 -16.09 13.70 3.01
C SER A 4 -14.71 13.26 2.55
N PHE A 5 -14.13 14.01 1.61
CA PHE A 5 -12.73 13.86 1.30
C PHE A 5 -11.88 14.33 2.47
N LEU A 6 -10.65 13.84 2.51
CA LEU A 6 -9.75 14.14 3.61
C LEU A 6 -9.46 15.64 3.66
N THR A 7 -9.65 16.25 4.83
CA THR A 7 -9.15 17.59 5.05
C THR A 7 -7.65 17.58 4.95
N GLU A 8 -7.07 18.76 4.73
CA GLU A 8 -5.62 18.80 4.63
C GLU A 8 -4.99 18.29 5.92
N GLU A 9 -5.53 18.72 7.07
CA GLU A 9 -5.04 18.21 8.35
C GLU A 9 -5.13 16.69 8.40
N GLU A 10 -6.31 16.13 8.11
CA GLU A 10 -6.44 14.68 8.03
C GLU A 10 -5.37 14.07 7.15
N GLN A 11 -5.13 14.67 5.97
CA GLN A 11 -4.12 14.15 5.06
C GLN A 11 -2.72 14.44 5.56
N GLU A 12 -2.54 15.56 6.26
CA GLU A 12 -1.28 15.82 6.96
C GLU A 12 -0.90 14.66 7.85
N ALA A 13 -1.80 14.27 8.75
CA ALA A 13 -1.62 13.08 9.58
C ALA A 13 -1.16 11.87 8.76
N ILE A 14 -1.98 11.44 7.80
CA ILE A 14 -1.72 10.17 7.12
C ILE A 14 -0.40 10.21 6.36
N MET A 15 -0.07 11.34 5.74
CA MET A 15 1.20 11.48 5.04
C MET A 15 2.38 11.25 6.01
N LYS A 16 2.34 11.87 7.19
CA LYS A 16 3.43 11.62 8.13
C LYS A 16 3.36 10.20 8.72
N VAL A 17 2.17 9.62 8.86
CA VAL A 17 2.12 8.19 9.16
C VAL A 17 2.90 7.40 8.10
N LEU A 18 2.64 7.70 6.83
CA LEU A 18 3.35 7.03 5.74
C LEU A 18 4.84 7.29 5.82
N GLN A 19 5.22 8.57 5.87
CA GLN A 19 6.62 8.95 6.07
C GLN A 19 7.24 8.14 7.19
N ARG A 20 6.54 8.06 8.33
CA ARG A 20 6.98 7.19 9.42
C ARG A 20 7.21 5.76 8.92
N ASP A 21 6.20 5.20 8.24
CA ASP A 21 6.33 3.82 7.74
C ASP A 21 7.55 3.67 6.85
N ALA A 22 7.73 4.59 5.90
CA ALA A 22 8.84 4.49 4.96
C ALA A 22 10.18 4.34 5.69
N ALA A 23 10.47 5.27 6.62
CA ALA A 23 11.69 5.18 7.42
C ALA A 23 11.82 3.82 8.10
N LEU A 24 10.79 3.42 8.86
CA LEU A 24 10.82 2.12 9.52
C LEU A 24 11.31 1.06 8.55
N LYS A 25 10.62 0.95 7.41
CA LYS A 25 10.95 -0.08 6.44
C LYS A 25 12.38 0.06 5.95
N ARG A 26 12.73 1.25 5.47
CA ARG A 26 14.10 1.46 5.00
C ARG A 26 15.12 1.10 6.08
N ALA A 27 14.81 1.43 7.33
CA ALA A 27 15.76 1.16 8.40
C ALA A 27 16.09 -0.32 8.51
N GLU A 28 15.10 -1.18 8.30
CA GLU A 28 15.28 -2.62 8.37
C GLU A 28 15.87 -3.20 7.08
N GLU A 29 16.07 -2.38 6.05
CA GLU A 29 16.64 -2.84 4.78
C GLU A 29 18.09 -3.29 4.95
N TYR A 44 19.54 -10.91 14.17
CA TYR A 44 19.29 -9.94 15.24
C TYR A 44 17.96 -9.21 15.03
N ASP A 45 17.04 -9.89 14.32
CA ASP A 45 15.68 -9.40 14.12
C ASP A 45 14.89 -10.30 13.19
N TYR A 46 13.80 -9.74 12.64
CA TYR A 46 12.78 -10.36 11.78
C TYR A 46 11.57 -9.45 11.85
N LEU A 47 11.45 -8.45 10.97
CA LEU A 47 10.30 -7.55 11.05
C LEU A 47 9.01 -8.30 10.73
N ILE A 48 8.04 -8.21 11.62
CA ILE A 48 6.72 -8.81 11.45
C ILE A 48 5.69 -7.70 11.55
N LYS A 49 4.74 -7.71 10.61
CA LYS A 49 3.67 -6.74 10.56
C LYS A 49 2.35 -7.47 10.62
N PHE A 50 1.32 -6.81 11.19
CA PHE A 50 -0.05 -7.24 10.99
C PHE A 50 -0.97 -6.03 11.19
N LEU A 51 -2.27 -6.28 11.13
CA LEU A 51 -3.18 -5.19 10.85
C LEU A 51 -4.49 -5.37 11.60
N ALA A 52 -4.95 -4.28 12.21
CA ALA A 52 -6.18 -4.29 12.98
C ALA A 52 -7.29 -3.70 12.13
N LEU A 53 -8.44 -4.37 12.13
CA LEU A 53 -9.56 -3.95 11.29
C LEU A 53 -10.85 -4.44 11.91
N GLY A 54 -11.95 -3.82 11.50
CA GLY A 54 -13.26 -4.10 12.06
C GLY A 54 -14.00 -2.78 12.18
N ASP A 55 -15.22 -2.77 12.71
CA ASP A 55 -16.00 -1.56 12.61
C ASP A 55 -15.39 -0.47 13.49
N SER A 56 -15.75 0.78 13.19
CA SER A 56 -15.36 1.87 14.05
C SER A 56 -15.96 1.68 15.44
N GLY A 57 -15.17 2.01 16.49
CA GLY A 57 -15.62 1.98 17.86
C GLY A 57 -15.57 0.64 18.56
N VAL A 58 -15.06 -0.40 17.90
CA VAL A 58 -15.04 -1.72 18.53
C VAL A 58 -13.82 -1.93 19.42
N GLY A 59 -12.81 -1.07 19.37
CA GLY A 59 -11.68 -1.31 20.23
C GLY A 59 -10.36 -1.44 19.54
N LYS A 60 -10.26 -1.08 18.25
CA LYS A 60 -9.07 -1.41 17.49
C LYS A 60 -7.83 -0.76 18.10
N THR A 61 -7.74 0.56 18.09
CA THR A 61 -6.56 1.22 18.67
C THR A 61 -6.34 0.83 20.14
N SER A 62 -7.41 0.87 20.95
CA SER A 62 -7.31 0.63 22.38
C SER A 62 -6.63 -0.70 22.68
N VAL A 63 -7.07 -1.76 21.98
CA VAL A 63 -6.43 -3.06 22.09
C VAL A 63 -4.94 -2.93 21.84
N LEU A 64 -4.55 -2.16 20.82
CA LEU A 64 -3.14 -2.09 20.48
C LEU A 64 -2.39 -1.26 21.51
N TYR A 65 -2.96 -0.14 21.91
CA TYR A 65 -2.39 0.70 22.96
C TYR A 65 -2.29 -0.05 24.29
N GLN A 66 -3.30 -0.84 24.64
CA GLN A 66 -3.15 -1.70 25.79
C GLN A 66 -1.98 -2.65 25.60
N TYR A 67 -1.84 -3.19 24.39
CA TYR A 67 -0.79 -4.18 24.17
C TYR A 67 0.59 -3.56 24.33
N THR A 68 0.82 -2.44 23.67
CA THR A 68 2.16 -1.87 23.66
C THR A 68 2.50 -1.18 24.97
N ASP A 69 1.57 -0.42 25.55
CA ASP A 69 1.88 0.42 26.70
C ASP A 69 1.17 0.02 27.98
N GLY A 70 0.47 -1.11 28.01
CA GLY A 70 -0.31 -1.46 29.19
C GLY A 70 -1.16 -0.32 29.73
N LYS A 71 -1.70 0.51 28.83
CA LYS A 71 -2.53 1.65 29.21
C LYS A 71 -3.82 1.68 28.39
N PHE A 72 -4.80 2.44 28.88
CA PHE A 72 -6.13 2.53 28.32
C PHE A 72 -6.65 3.94 28.51
N ASN A 73 -7.40 4.42 27.52
CA ASN A 73 -7.95 5.76 27.52
C ASN A 73 -9.42 5.65 27.17
N SER A 74 -10.26 6.35 27.93
CA SER A 74 -11.72 6.24 27.79
C SER A 74 -12.27 7.13 26.69
N LYS A 75 -11.62 8.27 26.44
CA LYS A 75 -12.10 9.18 25.42
C LYS A 75 -11.96 8.51 24.05
N PHE A 76 -13.07 8.41 23.33
CA PHE A 76 -12.99 7.90 21.97
C PHE A 76 -12.23 8.88 21.10
N ILE A 77 -11.09 8.46 20.56
CA ILE A 77 -10.29 9.26 19.64
C ILE A 77 -10.25 8.46 18.35
N THR A 78 -11.20 8.72 17.46
CA THR A 78 -11.34 7.91 16.25
C THR A 78 -10.13 8.06 15.34
N THR A 79 -9.66 6.93 14.80
CA THR A 79 -8.44 6.91 13.99
C THR A 79 -8.61 7.64 12.64
N VAL A 80 -7.68 8.53 12.33
CA VAL A 80 -7.72 9.33 11.11
C VAL A 80 -7.15 8.48 9.98
N GLY A 81 -7.92 7.50 9.54
CA GLY A 81 -7.50 6.68 8.43
C GLY A 81 -6.61 5.56 8.85
N ILE A 82 -5.36 5.85 9.16
CA ILE A 82 -4.43 4.77 9.45
C ILE A 82 -3.34 5.26 10.40
N ASP A 83 -2.86 4.33 11.23
CA ASP A 83 -1.72 4.53 12.12
C ASP A 83 -1.07 3.16 12.31
N PHE A 84 0.05 3.15 13.04
CA PHE A 84 0.68 1.90 13.45
C PHE A 84 1.50 2.11 14.72
N ARG A 85 1.57 1.05 15.52
CA ARG A 85 2.33 0.97 16.75
C ARG A 85 3.34 -0.16 16.67
N GLU A 86 4.47 0.02 17.35
CA GLU A 86 5.55 -0.96 17.36
C GLU A 86 5.74 -1.50 18.78
N LYS A 87 6.17 -2.77 18.86
CA LYS A 87 6.57 -3.39 20.12
C LYS A 87 7.65 -4.41 19.86
N ARG A 88 8.80 -4.29 20.52
CA ARG A 88 9.82 -5.33 20.47
C ARG A 88 9.43 -6.48 21.38
N VAL A 89 9.77 -7.70 20.96
CA VAL A 89 9.26 -8.89 21.59
C VAL A 89 10.27 -10.01 21.37
N VAL A 90 10.09 -11.12 22.07
CA VAL A 90 10.89 -12.32 21.89
C VAL A 90 9.92 -13.48 21.72
N TYR A 91 10.02 -14.16 20.59
CA TYR A 91 9.14 -15.27 20.26
C TYR A 91 9.94 -16.56 20.31
N ARG A 92 9.37 -17.58 20.92
CA ARG A 92 10.05 -18.88 21.00
C ARG A 92 9.16 -19.94 20.38
N ALA A 93 9.76 -20.79 19.55
CA ALA A 93 8.99 -21.75 18.76
C ALA A 93 8.19 -22.69 19.64
N SER A 94 7.07 -23.17 19.12
CA SER A 94 6.34 -24.25 19.77
C SER A 94 7.01 -25.58 19.44
N GLY A 95 6.71 -26.57 20.26
CA GLY A 95 7.29 -27.88 20.10
C GLY A 95 6.31 -28.97 20.47
N PRO A 96 6.52 -30.17 19.91
CA PRO A 96 5.55 -31.25 20.10
C PRO A 96 5.51 -31.80 21.53
N ASP A 97 6.58 -31.67 22.30
CA ASP A 97 6.61 -32.04 23.72
C ASP A 97 7.27 -30.90 24.51
N GLY A 98 6.61 -29.74 24.55
CA GLY A 98 7.19 -28.56 25.16
C GLY A 98 8.62 -28.33 24.72
N ALA A 99 8.84 -28.22 23.41
CA ALA A 99 10.17 -28.10 22.82
C ALA A 99 10.49 -26.66 22.44
N THR A 100 10.21 -25.73 23.37
CA THR A 100 10.34 -24.30 23.08
C THR A 100 11.77 -23.94 22.66
N GLY A 101 11.88 -23.32 21.49
CA GLY A 101 13.16 -23.05 20.87
C GLY A 101 13.80 -21.75 21.31
N ARG A 102 14.80 -21.34 20.53
CA ARG A 102 15.58 -20.14 20.83
C ARG A 102 14.71 -18.91 20.76
N GLY A 103 15.02 -17.93 21.61
CA GLY A 103 14.30 -16.68 21.60
C GLY A 103 14.63 -15.90 20.35
N GLN A 104 13.62 -15.59 19.54
CA GLN A 104 13.79 -14.75 18.38
C GLN A 104 13.38 -13.32 18.73
N ARG A 105 14.31 -12.37 18.54
CA ARG A 105 13.92 -10.97 18.50
C ARG A 105 12.96 -10.77 17.34
N ILE A 106 11.83 -10.13 17.63
CA ILE A 106 10.79 -9.89 16.64
C ILE A 106 10.38 -8.44 16.75
N HIS A 107 10.82 -7.62 15.80
CA HIS A 107 10.27 -6.27 15.68
C HIS A 107 8.84 -6.38 15.16
N LEU A 108 7.91 -5.73 15.86
CA LEU A 108 6.49 -5.84 15.56
C LEU A 108 5.97 -4.48 15.12
N GLN A 109 5.35 -4.43 13.94
CA GLN A 109 4.66 -3.25 13.46
C GLN A 109 3.18 -3.60 13.42
N LEU A 110 2.35 -2.72 13.98
CA LEU A 110 0.95 -3.07 14.22
C LEU A 110 0.07 -2.02 13.57
N TRP A 111 -0.41 -2.29 12.37
CA TRP A 111 -1.20 -1.29 11.66
C TRP A 111 -2.55 -1.13 12.34
N ASP A 112 -2.94 0.11 12.58
CA ASP A 112 -4.27 0.41 13.09
C ASP A 112 -5.03 1.12 11.98
N THR A 113 -6.00 0.42 11.40
CA THR A 113 -6.79 0.97 10.31
C THR A 113 -8.02 1.65 10.86
N ALA A 114 -8.52 2.64 10.14
CA ALA A 114 -9.80 3.22 10.51
C ALA A 114 -10.90 2.18 10.36
N GLY A 115 -12.13 2.59 10.64
CA GLY A 115 -13.23 1.66 10.59
C GLY A 115 -14.40 2.31 9.89
N LEU A 116 -14.40 3.63 9.88
CA LEU A 116 -15.42 4.37 9.18
C LEU A 116 -15.28 4.11 7.69
N GLU A 117 -16.41 3.89 7.00
CA GLU A 117 -16.34 3.48 5.60
C GLU A 117 -15.59 4.49 4.75
N ARG A 118 -15.69 5.78 5.08
CA ARG A 118 -15.02 6.82 4.28
C ARG A 118 -13.52 6.59 4.16
N PHE A 119 -12.95 5.64 4.91
CA PHE A 119 -11.53 5.32 4.86
C PHE A 119 -11.29 3.94 4.26
N ARG A 120 -12.34 3.29 3.76
CA ARG A 120 -12.22 1.90 3.36
C ARG A 120 -11.11 1.72 2.33
N SER A 121 -11.12 2.52 1.27
CA SER A 121 -10.15 2.22 0.23
C SER A 121 -8.75 2.66 0.63
N LEU A 122 -8.59 3.68 1.50
CA LEU A 122 -7.26 3.97 2.04
C LEU A 122 -6.76 2.81 2.90
N THR A 123 -7.60 2.25 3.76
CA THR A 123 -7.09 1.22 4.68
C THR A 123 -6.77 -0.08 3.94
N THR A 124 -7.58 -0.43 2.93
CA THR A 124 -7.37 -1.65 2.15
C THR A 124 -6.07 -1.63 1.38
N ALA A 125 -5.54 -0.43 1.10
CA ALA A 125 -4.26 -0.34 0.42
C ALA A 125 -3.19 -1.07 1.22
N PHE A 126 -3.27 -1.00 2.55
CA PHE A 126 -2.19 -1.50 3.42
C PHE A 126 -2.25 -2.99 3.67
N PHE A 127 -3.24 -3.71 3.13
CA PHE A 127 -3.30 -5.15 3.33
C PHE A 127 -2.10 -5.86 2.71
N ARG A 128 -1.40 -5.23 1.76
CA ARG A 128 -0.25 -5.89 1.16
C ARG A 128 0.93 -5.91 2.11
N ASP A 129 0.89 -5.05 3.14
CA ASP A 129 1.97 -4.96 4.10
C ASP A 129 1.77 -5.85 5.33
N ALA A 130 0.61 -6.49 5.48
CA ALA A 130 0.23 -7.16 6.72
C ALA A 130 0.26 -8.67 6.55
N MET A 131 1.18 -9.34 7.25
CA MET A 131 1.27 -10.81 7.22
C MET A 131 0.15 -11.51 7.97
N GLY A 132 -0.73 -10.75 8.60
CA GLY A 132 -1.85 -11.35 9.31
C GLY A 132 -2.83 -10.27 9.69
N PHE A 133 -3.97 -10.70 10.22
CA PHE A 133 -5.04 -9.78 10.54
C PHE A 133 -5.61 -10.12 11.91
N LEU A 134 -5.94 -9.06 12.66
CA LEU A 134 -6.58 -9.15 13.97
C LEU A 134 -7.95 -8.51 13.81
N LEU A 135 -8.98 -9.34 13.69
CA LEU A 135 -10.31 -8.85 13.41
C LEU A 135 -11.06 -8.65 14.73
N LEU A 136 -11.63 -7.45 14.90
CA LEU A 136 -12.36 -7.10 16.11
C LEU A 136 -13.83 -6.87 15.82
N PHE A 137 -14.70 -7.49 16.61
CA PHE A 137 -16.01 -6.94 16.86
C PHE A 137 -16.13 -6.56 18.33
N ASP A 138 -17.22 -5.87 18.65
CA ASP A 138 -17.59 -5.47 20.01
C ASP A 138 -18.61 -6.46 20.55
N LEU A 139 -18.42 -6.88 21.81
CA LEU A 139 -19.44 -7.72 22.42
C LEU A 139 -20.65 -6.92 22.83
N THR A 140 -20.51 -5.62 23.04
CA THR A 140 -21.65 -4.81 23.41
C THR A 140 -22.39 -4.30 22.20
N ASN A 141 -22.22 -4.95 21.04
CA ASN A 141 -22.80 -4.44 19.78
C ASN A 141 -22.90 -5.60 18.77
N GLU A 142 -24.10 -6.18 18.66
CA GLU A 142 -24.24 -7.33 17.79
C GLU A 142 -24.04 -6.94 16.34
N GLN A 143 -24.51 -5.74 15.97
CA GLN A 143 -24.32 -5.28 14.60
C GLN A 143 -22.87 -5.37 14.18
N SER A 144 -21.94 -4.85 15.01
CA SER A 144 -20.52 -5.02 14.73
C SER A 144 -20.18 -6.49 14.56
N PHE A 145 -20.80 -7.36 15.35
CA PHE A 145 -20.53 -8.78 15.21
C PHE A 145 -21.12 -9.33 13.91
N LEU A 146 -22.25 -8.79 13.46
CA LEU A 146 -22.84 -9.32 12.24
C LEU A 146 -21.99 -9.00 11.01
N ASN A 147 -21.39 -7.80 10.97
CA ASN A 147 -20.56 -7.38 9.83
C ASN A 147 -19.33 -8.24 9.66
N VAL A 148 -18.97 -9.02 10.67
CA VAL A 148 -17.70 -9.76 10.69
C VAL A 148 -17.57 -10.69 9.48
N ARG A 149 -18.69 -11.28 9.03
CA ARG A 149 -18.61 -12.10 7.81
C ARG A 149 -18.12 -11.28 6.64
N ASN A 150 -18.62 -10.05 6.51
CA ASN A 150 -18.20 -9.21 5.40
C ASN A 150 -16.76 -8.75 5.55
N TRP A 151 -16.25 -8.67 6.79
CA TRP A 151 -14.83 -8.40 6.96
C TRP A 151 -13.98 -9.58 6.51
N ILE A 152 -14.40 -10.81 6.83
CA ILE A 152 -13.62 -11.96 6.38
C ILE A 152 -13.68 -12.06 4.87
N SER A 153 -14.86 -11.78 4.29
CA SER A 153 -14.96 -11.78 2.85
C SER A 153 -14.11 -10.67 2.25
N GLN A 154 -14.04 -9.50 2.90
CA GLN A 154 -13.12 -8.48 2.42
C GLN A 154 -11.67 -8.90 2.59
N LEU A 155 -11.39 -9.89 3.43
CA LEU A 155 -10.00 -10.26 3.68
C LEU A 155 -9.53 -11.35 2.74
N GLN A 156 -10.39 -12.36 2.51
CA GLN A 156 -10.15 -13.28 1.41
C GLN A 156 -9.88 -12.50 0.13
N MET A 157 -10.73 -11.52 -0.16
CA MET A 157 -10.70 -10.79 -1.42
C MET A 157 -9.44 -9.94 -1.58
N HIS A 158 -8.94 -9.32 -0.50
CA HIS A 158 -7.89 -8.33 -0.64
C HIS A 158 -6.60 -8.65 0.09
N ALA A 159 -6.54 -9.70 0.90
CA ALA A 159 -5.26 -10.11 1.44
C ALA A 159 -4.38 -10.56 0.29
N TYR A 160 -3.09 -10.28 0.39
CA TYR A 160 -2.18 -10.61 -0.71
C TYR A 160 -1.62 -12.01 -0.59
N ALA A 161 -2.04 -12.78 0.41
CA ALA A 161 -2.00 -14.23 0.38
C ALA A 161 -3.42 -14.72 0.57
N GLU A 162 -3.79 -15.81 -0.10
CA GLU A 162 -5.14 -16.31 0.13
C GLU A 162 -5.11 -17.35 1.26
N ASN A 163 -6.30 -17.59 1.81
CA ASN A 163 -6.48 -18.19 3.13
C ASN A 163 -5.55 -17.50 4.15
N PRO A 164 -5.71 -16.19 4.34
CA PRO A 164 -4.77 -15.47 5.20
C PRO A 164 -5.03 -15.78 6.67
N ASP A 165 -4.03 -15.45 7.49
CA ASP A 165 -4.09 -15.66 8.92
C ASP A 165 -4.93 -14.59 9.59
N ILE A 166 -5.97 -15.00 10.31
CA ILE A 166 -6.81 -14.11 11.13
C ILE A 166 -6.93 -14.67 12.54
N VAL A 167 -6.89 -13.77 13.51
CA VAL A 167 -7.42 -14.00 14.84
C VAL A 167 -8.58 -13.03 15.01
N LEU A 168 -9.69 -13.52 15.54
CA LEU A 168 -10.88 -12.73 15.77
C LEU A 168 -10.97 -12.38 17.26
N CYS A 169 -11.25 -11.12 17.56
CA CYS A 169 -11.35 -10.68 18.94
C CYS A 169 -12.74 -10.10 19.19
N GLY A 170 -13.47 -10.72 20.13
CA GLY A 170 -14.63 -10.10 20.72
C GLY A 170 -14.14 -9.18 21.83
N ASN A 171 -14.15 -7.88 21.56
CA ASN A 171 -13.60 -6.90 22.46
C ASN A 171 -14.66 -6.36 23.42
N LYS A 172 -14.19 -5.59 24.40
CA LYS A 172 -15.01 -4.94 25.45
C LYS A 172 -15.55 -5.93 26.50
N SER A 173 -14.87 -7.09 26.70
CA SER A 173 -15.38 -8.13 27.59
C SER A 173 -15.54 -7.65 29.03
N ASP A 174 -14.86 -6.57 29.41
CA ASP A 174 -15.02 -5.98 30.72
C ASP A 174 -16.37 -5.30 30.91
N LEU A 175 -17.18 -5.19 29.86
CA LEU A 175 -18.55 -4.71 29.97
C LEU A 175 -19.43 -5.94 29.84
N GLU A 176 -20.03 -6.37 30.93
CA GLU A 176 -20.88 -7.53 30.90
C GLU A 176 -22.34 -7.17 31.08
N ASP A 177 -22.62 -6.05 31.73
CA ASP A 177 -23.99 -5.56 31.71
C ASP A 177 -24.36 -5.11 30.31
N GLN A 178 -23.40 -4.64 29.53
CA GLN A 178 -23.63 -4.22 28.16
C GLN A 178 -23.32 -5.30 27.12
N ARG A 179 -22.88 -6.48 27.54
CA ARG A 179 -22.62 -7.54 26.58
C ARG A 179 -23.93 -7.98 25.93
N VAL A 180 -23.91 -8.13 24.59
CA VAL A 180 -25.11 -8.49 23.84
C VAL A 180 -24.82 -9.63 22.85
N VAL A 181 -23.58 -9.73 22.40
CA VAL A 181 -23.19 -10.82 21.52
C VAL A 181 -23.11 -12.09 22.35
N LYS A 182 -24.03 -13.02 22.12
CA LYS A 182 -23.96 -14.32 22.77
C LYS A 182 -22.63 -15.01 22.47
N GLU A 183 -22.10 -15.69 23.48
CA GLU A 183 -20.81 -16.37 23.33
C GLU A 183 -20.87 -17.42 22.25
N GLU A 184 -21.99 -18.14 22.14
CA GLU A 184 -22.01 -19.29 21.25
C GLU A 184 -22.00 -18.86 19.79
N GLU A 185 -22.67 -17.75 19.47
CA GLU A 185 -22.68 -17.31 18.07
C GLU A 185 -21.28 -17.05 17.54
N ALA A 186 -20.36 -16.59 18.42
CA ALA A 186 -19.03 -16.20 17.97
C ALA A 186 -18.11 -17.41 17.82
N ILE A 187 -18.13 -18.31 18.80
CA ILE A 187 -17.35 -19.54 18.67
C ILE A 187 -17.78 -20.30 17.43
N ALA A 188 -19.10 -20.40 17.22
CA ALA A 188 -19.69 -20.83 15.96
C ALA A 188 -18.95 -20.27 14.77
N LEU A 189 -19.11 -18.96 14.53
CA LEU A 189 -18.44 -18.27 13.42
C LEU A 189 -16.96 -18.65 13.34
N ALA A 190 -16.24 -18.41 14.43
CA ALA A 190 -14.81 -18.65 14.44
C ALA A 190 -14.47 -20.08 14.04
N GLU A 191 -15.35 -21.02 14.32
CA GLU A 191 -15.07 -22.40 13.93
C GLU A 191 -15.38 -22.63 12.45
N LYS A 192 -16.58 -22.23 12.01
CA LYS A 192 -16.98 -22.36 10.62
C LYS A 192 -15.91 -21.82 9.68
N TYR A 193 -15.29 -20.71 10.07
CA TYR A 193 -14.20 -20.13 9.31
C TYR A 193 -12.84 -20.66 9.74
N GLY A 194 -12.80 -21.56 10.73
CA GLY A 194 -11.56 -22.06 11.28
C GLY A 194 -10.58 -20.95 11.60
N ILE A 195 -10.87 -20.14 12.61
CA ILE A 195 -9.93 -19.11 13.06
C ILE A 195 -9.91 -19.05 14.57
N PRO A 196 -8.77 -18.66 15.13
CA PRO A 196 -8.72 -18.41 16.57
C PRO A 196 -9.61 -17.24 16.98
N TYR A 197 -10.43 -17.49 18.01
CA TYR A 197 -11.28 -16.49 18.64
C TYR A 197 -10.80 -16.24 20.06
N PHE A 198 -10.68 -14.97 20.43
CA PHE A 198 -10.40 -14.57 21.80
C PHE A 198 -11.39 -13.51 22.22
N GLU A 199 -11.88 -13.60 23.44
CA GLU A 199 -12.64 -12.50 24.01
C GLU A 199 -11.64 -11.64 24.78
N THR A 200 -11.71 -10.34 24.58
CA THR A 200 -10.65 -9.45 24.99
C THR A 200 -11.21 -8.29 25.82
N SER A 201 -10.30 -7.64 26.55
CA SER A 201 -10.56 -6.32 27.12
C SER A 201 -9.40 -5.40 26.79
N ALA A 202 -9.66 -4.35 26.05
CA ALA A 202 -8.61 -3.36 25.92
C ALA A 202 -8.41 -2.57 27.22
N ALA A 203 -9.36 -2.63 28.16
CA ALA A 203 -9.27 -1.85 29.40
C ALA A 203 -8.42 -2.55 30.46
N ASN A 204 -8.86 -3.72 30.89
CA ASN A 204 -8.14 -4.49 31.90
C ASN A 204 -7.07 -5.39 31.30
N GLY A 205 -7.01 -5.48 29.96
CA GLY A 205 -5.98 -6.23 29.27
C GLY A 205 -6.21 -7.73 29.18
N THR A 206 -7.41 -8.22 29.51
CA THR A 206 -7.66 -9.65 29.44
C THR A 206 -7.53 -10.15 28.00
N ASN A 207 -6.56 -11.05 27.78
CA ASN A 207 -6.40 -11.81 26.53
C ASN A 207 -5.85 -11.01 25.34
N ILE A 208 -5.80 -9.68 25.44
CA ILE A 208 -5.05 -8.83 24.51
C ILE A 208 -3.75 -9.50 24.14
N SER A 209 -2.93 -9.78 25.15
CA SER A 209 -1.63 -10.38 24.89
C SER A 209 -1.78 -11.75 24.25
N GLN A 210 -2.70 -12.56 24.77
CA GLN A 210 -2.84 -13.93 24.29
C GLN A 210 -3.22 -13.96 22.82
N ALA A 211 -4.10 -13.04 22.40
CA ALA A 211 -4.55 -13.06 21.00
C ALA A 211 -3.42 -12.63 20.08
N ILE A 212 -2.77 -11.52 20.41
CA ILE A 212 -1.67 -11.02 19.61
C ILE A 212 -0.55 -12.05 19.54
N GLU A 213 -0.28 -12.73 20.66
CA GLU A 213 0.76 -13.76 20.64
C GLU A 213 0.35 -14.91 19.75
N MET A 214 -0.93 -15.26 19.78
CA MET A 214 -1.45 -16.30 18.88
C MET A 214 -1.26 -15.91 17.43
N LEU A 215 -1.57 -14.66 17.08
CA LEU A 215 -1.48 -14.25 15.69
C LEU A 215 -0.05 -14.39 15.19
N LEU A 216 0.90 -13.76 15.88
CA LEU A 216 2.30 -13.89 15.50
C LEU A 216 2.72 -15.35 15.41
N ASP A 217 2.24 -16.19 16.32
CA ASP A 217 2.57 -17.61 16.24
C ASP A 217 2.16 -18.19 14.90
N LEU A 218 0.89 -18.00 14.52
CA LEU A 218 0.38 -18.42 13.21
C LEU A 218 1.31 -17.96 12.10
N ILE A 219 1.52 -16.64 12.03
CA ILE A 219 2.41 -16.03 11.06
C ILE A 219 3.78 -16.68 11.11
N MET A 220 4.33 -16.87 12.30
CA MET A 220 5.64 -17.48 12.46
C MET A 220 5.69 -18.90 11.90
N LYS A 221 4.71 -19.72 12.28
CA LYS A 221 4.66 -21.08 11.76
C LYS A 221 4.36 -21.06 10.28
N ARG A 222 3.35 -20.28 9.89
CA ARG A 222 3.06 -20.13 8.47
C ARG A 222 4.32 -19.74 7.70
N MET A 223 5.11 -18.83 8.28
CA MET A 223 6.28 -18.33 7.57
C MET A 223 7.26 -19.45 7.26
N GLU A 224 7.58 -20.26 8.27
CA GLU A 224 8.49 -21.35 7.97
C GLU A 224 7.77 -22.59 7.46
N ARG A 225 6.83 -22.39 6.53
CA ARG A 225 6.32 -23.52 5.75
C ARG A 225 7.41 -24.08 4.84
N SER A 226 8.37 -23.25 4.46
CA SER A 226 9.57 -23.72 3.78
C SER A 226 10.52 -24.41 4.76
N SER B 4 -18.01 18.42 -3.33
CA SER B 4 -16.75 17.72 -3.06
C SER B 4 -16.95 16.23 -2.72
N PHE B 5 -17.37 15.98 -1.46
CA PHE B 5 -17.64 14.69 -0.82
C PHE B 5 -17.48 13.45 -1.72
N LEU B 6 -16.49 12.62 -1.40
CA LEU B 6 -16.19 11.37 -2.11
C LEU B 6 -17.41 10.47 -2.19
N THR B 7 -17.65 9.93 -3.38
CA THR B 7 -18.87 9.21 -3.69
C THR B 7 -18.69 7.71 -3.59
N GLU B 8 -19.79 7.01 -3.35
CA GLU B 8 -19.75 5.57 -3.24
C GLU B 8 -19.17 4.94 -4.50
N GLU B 9 -19.56 5.44 -5.68
CA GLU B 9 -19.19 4.80 -6.94
C GLU B 9 -17.70 4.87 -7.20
N GLU B 10 -17.05 5.95 -6.79
CA GLU B 10 -15.60 6.07 -6.98
C GLU B 10 -14.83 5.13 -6.06
N GLN B 11 -15.33 4.90 -4.84
CA GLN B 11 -14.61 3.99 -3.95
C GLN B 11 -14.67 2.56 -4.47
N GLU B 12 -15.83 2.16 -5.02
CA GLU B 12 -15.97 0.82 -5.58
C GLU B 12 -14.99 0.58 -6.73
N ALA B 13 -14.68 1.60 -7.52
CA ALA B 13 -13.66 1.43 -8.54
C ALA B 13 -12.30 1.20 -7.88
N ILE B 14 -11.97 1.99 -6.85
CA ILE B 14 -10.68 1.84 -6.18
C ILE B 14 -10.60 0.50 -5.48
N MET B 15 -11.68 0.07 -4.84
CA MET B 15 -11.70 -1.29 -4.32
C MET B 15 -11.55 -2.30 -5.46
N LYS B 16 -12.01 -1.95 -6.66
CA LYS B 16 -11.83 -2.85 -7.81
C LYS B 16 -10.36 -2.95 -8.21
N VAL B 17 -9.69 -1.81 -8.38
CA VAL B 17 -8.26 -1.84 -8.67
C VAL B 17 -7.53 -2.64 -7.59
N LEU B 18 -7.77 -2.30 -6.32
CA LEU B 18 -7.13 -3.00 -5.20
C LEU B 18 -7.41 -4.49 -5.25
N GLN B 19 -8.67 -4.87 -5.51
CA GLN B 19 -9.02 -6.27 -5.64
C GLN B 19 -8.26 -6.93 -6.79
N ARG B 20 -7.93 -6.16 -7.83
CA ARG B 20 -7.25 -6.72 -9.00
C ARG B 20 -5.76 -6.90 -8.74
N ASP B 21 -5.13 -5.89 -8.13
CA ASP B 21 -3.74 -6.04 -7.69
C ASP B 21 -3.59 -7.23 -6.74
N ALA B 22 -4.43 -7.29 -5.69
CA ALA B 22 -4.34 -8.40 -4.74
C ALA B 22 -4.48 -9.75 -5.45
N ALA B 23 -5.32 -9.82 -6.48
CA ALA B 23 -5.39 -11.02 -7.29
C ALA B 23 -4.08 -11.27 -8.02
N LEU B 24 -3.50 -10.23 -8.61
CA LEU B 24 -2.33 -10.41 -9.45
C LEU B 24 -1.14 -10.89 -8.63
N LYS B 25 -0.89 -10.25 -7.49
CA LYS B 25 0.21 -10.69 -6.65
C LYS B 25 0.02 -12.14 -6.22
N ARG B 26 -1.22 -12.52 -5.90
CA ARG B 26 -1.49 -13.88 -5.43
C ARG B 26 -1.13 -14.93 -6.49
N ALA B 27 -1.17 -14.54 -7.77
CA ALA B 27 -0.85 -15.48 -8.86
C ALA B 27 0.65 -15.59 -9.08
N GLU B 28 1.37 -14.47 -9.13
CA GLU B 28 2.82 -14.54 -9.24
C GLU B 28 3.37 -15.03 -7.90
N GLU B 29 2.98 -16.24 -7.53
CA GLU B 29 3.22 -16.81 -6.21
C GLU B 29 3.07 -18.32 -6.26
N TYR B 44 5.79 -15.83 -16.82
CA TYR B 44 6.90 -14.91 -17.03
C TYR B 44 8.18 -15.41 -16.37
N ASP B 45 9.12 -14.48 -16.20
CA ASP B 45 10.38 -14.71 -15.52
C ASP B 45 10.47 -13.93 -14.20
N TYR B 46 9.99 -12.69 -14.18
CA TYR B 46 9.85 -11.91 -12.96
C TYR B 46 8.83 -10.81 -13.20
N LEU B 47 8.21 -10.34 -12.12
CA LEU B 47 7.25 -9.24 -12.18
C LEU B 47 7.96 -7.96 -11.76
N ILE B 48 8.03 -6.99 -12.66
CA ILE B 48 8.69 -5.71 -12.42
C ILE B 48 7.62 -4.63 -12.34
N LYS B 49 7.38 -4.11 -11.12
CA LYS B 49 6.38 -3.10 -10.85
C LYS B 49 7.03 -1.72 -10.88
N PHE B 50 6.37 -0.76 -11.52
CA PHE B 50 6.70 0.61 -11.20
C PHE B 50 5.49 1.51 -11.43
N LEU B 51 5.72 2.82 -11.22
CA LEU B 51 4.66 3.74 -10.87
C LEU B 51 4.90 5.06 -11.55
N ALA B 52 3.84 5.61 -12.13
CA ALA B 52 3.92 6.90 -12.77
C ALA B 52 3.20 7.90 -11.90
N LEU B 53 3.82 9.06 -11.74
CA LEU B 53 3.28 10.13 -10.91
C LEU B 53 3.65 11.47 -11.54
N GLY B 54 3.10 12.54 -10.96
CA GLY B 54 3.21 13.85 -11.55
C GLY B 54 1.93 14.63 -11.32
N ASP B 55 1.97 15.94 -11.56
CA ASP B 55 0.77 16.75 -11.40
C ASP B 55 -0.37 16.19 -12.26
N SER B 56 -1.60 16.45 -11.84
CA SER B 56 -2.71 15.91 -12.62
C SER B 56 -2.92 16.77 -13.84
N GLY B 57 -3.25 16.12 -14.95
CA GLY B 57 -3.34 16.79 -16.22
C GLY B 57 -2.03 16.86 -16.96
N VAL B 58 -1.15 15.87 -16.78
CA VAL B 58 0.13 15.82 -17.47
C VAL B 58 0.27 14.62 -18.38
N GLY B 59 -0.64 13.66 -18.29
CA GLY B 59 -0.66 12.54 -19.20
C GLY B 59 -0.14 11.24 -18.66
N LYS B 60 -0.17 11.04 -17.35
CA LYS B 60 0.19 9.73 -16.79
C LYS B 60 -0.59 8.62 -17.48
N THR B 61 -1.92 8.71 -17.43
CA THR B 61 -2.76 7.68 -18.04
C THR B 61 -2.53 7.60 -19.53
N SER B 62 -2.64 8.74 -20.22
CA SER B 62 -2.37 8.78 -21.64
C SER B 62 -1.04 8.12 -21.97
N VAL B 63 0.03 8.56 -21.33
CA VAL B 63 1.33 7.96 -21.61
C VAL B 63 1.27 6.45 -21.50
N LEU B 64 0.76 5.94 -20.36
CA LEU B 64 0.72 4.50 -20.16
C LEU B 64 -0.18 3.82 -21.19
N TYR B 65 -1.31 4.45 -21.51
CA TYR B 65 -2.25 3.87 -22.48
C TYR B 65 -1.59 3.70 -23.83
N GLN B 66 -1.11 4.79 -24.42
CA GLN B 66 -0.24 4.73 -25.59
C GLN B 66 0.72 3.53 -25.52
N TYR B 67 1.52 3.48 -24.47
CA TYR B 67 2.58 2.48 -24.38
C TYR B 67 2.05 1.06 -24.46
N THR B 68 0.86 0.80 -23.94
CA THR B 68 0.36 -0.56 -23.82
C THR B 68 -0.49 -0.96 -25.02
N ASP B 69 -1.24 -0.01 -25.57
CA ASP B 69 -2.29 -0.24 -26.54
C ASP B 69 -2.08 0.50 -27.85
N GLY B 70 -1.15 1.45 -27.90
CA GLY B 70 -0.96 2.27 -29.07
C GLY B 70 -2.03 3.30 -29.33
N LYS B 71 -3.02 3.45 -28.45
CA LYS B 71 -4.11 4.37 -28.69
C LYS B 71 -3.91 5.64 -27.85
N PHE B 72 -4.82 6.60 -28.01
CA PHE B 72 -4.72 7.87 -27.29
C PHE B 72 -6.09 8.55 -27.35
N ASN B 73 -6.77 8.64 -26.21
CA ASN B 73 -7.96 9.45 -26.12
C ASN B 73 -7.56 10.85 -25.66
N SER B 74 -8.16 11.85 -26.31
CA SER B 74 -7.90 13.24 -25.97
C SER B 74 -8.93 13.82 -25.02
N LYS B 75 -10.07 13.15 -24.80
CA LYS B 75 -10.96 13.51 -23.70
C LYS B 75 -10.23 13.28 -22.40
N PHE B 76 -10.15 14.34 -21.59
CA PHE B 76 -9.50 14.27 -20.29
C PHE B 76 -10.37 13.50 -19.32
N ILE B 77 -9.92 12.33 -18.90
CA ILE B 77 -10.64 11.51 -17.91
C ILE B 77 -9.69 11.38 -16.73
N THR B 78 -9.82 12.29 -15.76
CA THR B 78 -8.91 12.30 -14.62
C THR B 78 -9.01 11.00 -13.84
N THR B 79 -7.85 10.48 -13.44
CA THR B 79 -7.79 9.17 -12.81
C THR B 79 -8.51 9.18 -11.46
N VAL B 80 -9.32 8.14 -11.23
CA VAL B 80 -10.10 8.01 -10.02
C VAL B 80 -9.17 7.47 -8.94
N GLY B 81 -8.30 8.34 -8.42
CA GLY B 81 -7.35 7.98 -7.39
C GLY B 81 -6.16 7.13 -7.78
N ILE B 82 -6.43 5.95 -8.36
CA ILE B 82 -5.37 4.98 -8.57
C ILE B 82 -5.84 3.89 -9.56
N ASP B 83 -4.91 3.46 -10.43
CA ASP B 83 -5.13 2.40 -11.43
C ASP B 83 -3.78 1.82 -11.82
N PHE B 84 -3.79 0.67 -12.52
CA PHE B 84 -2.56 0.09 -13.04
C PHE B 84 -2.84 -0.70 -14.33
N ARG B 85 -1.77 -0.96 -15.11
CA ARG B 85 -1.83 -1.65 -16.40
C ARG B 85 -0.71 -2.69 -16.46
N GLU B 86 -0.79 -3.62 -17.43
CA GLU B 86 0.26 -4.62 -17.61
C GLU B 86 0.65 -4.76 -19.07
N LYS B 87 1.94 -4.96 -19.31
CA LYS B 87 2.44 -5.45 -20.58
C LYS B 87 3.35 -6.62 -20.31
N ARG B 88 3.26 -7.64 -21.17
CA ARG B 88 4.15 -8.80 -21.08
C ARG B 88 5.28 -8.59 -22.09
N VAL B 89 6.23 -7.73 -21.74
CA VAL B 89 7.35 -7.39 -22.62
C VAL B 89 8.53 -8.34 -22.39
N VAL B 90 9.54 -8.25 -23.27
CA VAL B 90 10.75 -9.06 -23.17
C VAL B 90 11.92 -8.12 -23.00
N TYR B 91 12.70 -8.32 -21.95
CA TYR B 91 13.80 -7.44 -21.62
C TYR B 91 15.09 -8.09 -22.08
N ARG B 92 15.94 -7.33 -22.75
CA ARG B 92 17.23 -7.82 -23.19
C ARG B 92 18.33 -7.02 -22.50
N ALA B 93 19.58 -7.34 -22.86
CA ALA B 93 20.73 -7.02 -22.01
C ALA B 93 20.92 -5.52 -21.82
N SER B 94 20.90 -4.75 -22.91
CA SER B 94 21.25 -3.34 -22.90
C SER B 94 22.65 -3.14 -22.30
N GLY B 95 23.64 -3.73 -22.99
CA GLY B 95 25.00 -3.76 -22.52
C GLY B 95 25.88 -2.66 -23.08
N PRO B 96 27.19 -2.77 -22.84
CA PRO B 96 28.10 -1.65 -23.14
C PRO B 96 28.53 -1.61 -24.59
N ASP B 97 28.63 -0.38 -25.12
CA ASP B 97 28.93 -0.13 -26.54
C ASP B 97 27.93 -0.84 -27.45
N GLY B 98 26.69 -1.01 -26.98
CA GLY B 98 25.62 -1.57 -27.78
C GLY B 98 25.53 -3.07 -27.83
N ALA B 99 25.83 -3.76 -26.74
CA ALA B 99 25.69 -5.22 -26.72
C ALA B 99 24.24 -5.61 -26.45
N THR B 100 23.96 -6.92 -26.60
CA THR B 100 22.62 -7.46 -26.34
C THR B 100 22.76 -8.98 -26.19
N GLY B 101 22.86 -9.44 -24.94
CA GLY B 101 22.71 -10.84 -24.65
C GLY B 101 21.26 -11.27 -24.57
N ARG B 102 21.03 -12.58 -24.71
CA ARG B 102 19.67 -13.10 -24.80
C ARG B 102 18.89 -12.72 -23.55
N GLY B 103 17.74 -12.08 -23.75
CA GLY B 103 17.02 -11.43 -22.67
C GLY B 103 15.81 -12.20 -22.15
N GLN B 104 15.25 -11.65 -21.06
CA GLN B 104 14.27 -12.33 -20.22
C GLN B 104 12.84 -11.90 -20.55
N ARG B 105 11.90 -12.73 -20.09
CA ARG B 105 10.49 -12.36 -20.03
C ARG B 105 10.26 -11.47 -18.82
N ILE B 106 9.49 -10.41 -19.01
CA ILE B 106 9.21 -9.46 -17.94
C ILE B 106 7.71 -9.17 -17.97
N HIS B 107 6.99 -9.71 -16.99
CA HIS B 107 5.65 -9.20 -16.71
C HIS B 107 5.77 -7.82 -16.10
N LEU B 108 5.09 -6.85 -16.69
CA LEU B 108 5.12 -5.48 -16.19
C LEU B 108 3.81 -5.16 -15.49
N GLN B 109 3.93 -4.34 -14.46
CA GLN B 109 2.78 -3.72 -13.79
C GLN B 109 3.08 -2.24 -13.66
N LEU B 110 2.14 -1.40 -14.11
CA LEU B 110 2.40 0.02 -14.37
C LEU B 110 1.34 0.85 -13.63
N TRP B 111 1.66 1.24 -12.39
CA TRP B 111 0.72 1.99 -11.55
C TRP B 111 0.48 3.38 -12.12
N ASP B 112 -0.75 3.84 -12.03
CA ASP B 112 -1.15 5.14 -12.53
C ASP B 112 -1.79 5.89 -11.38
N THR B 113 -1.20 6.99 -10.94
CA THR B 113 -1.69 7.68 -9.77
C THR B 113 -2.39 8.96 -10.18
N ALA B 114 -3.54 9.23 -9.56
CA ALA B 114 -4.15 10.55 -9.65
C ALA B 114 -3.16 11.58 -9.16
N GLY B 115 -3.05 12.68 -9.87
CA GLY B 115 -2.10 13.67 -9.43
C GLY B 115 -2.69 14.72 -8.53
N LEU B 116 -3.95 14.56 -8.19
CA LEU B 116 -4.69 15.60 -7.50
C LEU B 116 -4.40 15.62 -5.99
N GLU B 117 -4.80 16.73 -5.37
CA GLU B 117 -4.81 16.85 -3.91
C GLU B 117 -5.58 15.72 -3.27
N ARG B 118 -6.82 15.51 -3.71
CA ARG B 118 -7.78 14.64 -3.04
C ARG B 118 -7.26 13.23 -2.83
N PHE B 119 -6.13 12.89 -3.44
CA PHE B 119 -5.58 11.54 -3.36
C PHE B 119 -4.10 11.58 -3.04
N ARG B 120 -3.58 12.69 -2.51
CA ARG B 120 -2.16 12.73 -2.25
C ARG B 120 -1.76 11.65 -1.26
N SER B 121 -2.65 11.36 -0.30
CA SER B 121 -2.33 10.39 0.72
C SER B 121 -2.70 8.98 0.32
N LEU B 122 -3.63 8.83 -0.64
CA LEU B 122 -3.93 7.50 -1.19
C LEU B 122 -2.84 7.02 -2.14
N THR B 123 -2.41 7.89 -3.06
CA THR B 123 -1.41 7.47 -4.03
C THR B 123 -0.07 7.18 -3.37
N THR B 124 0.35 8.04 -2.43
CA THR B 124 1.65 7.87 -1.77
C THR B 124 1.77 6.54 -1.03
N ALA B 125 0.67 5.89 -0.72
CA ALA B 125 0.80 4.58 -0.11
C ALA B 125 1.17 3.50 -1.11
N PHE B 126 1.06 3.78 -2.41
CA PHE B 126 1.40 2.76 -3.40
C PHE B 126 2.84 2.85 -3.86
N PHE B 127 3.56 3.91 -3.49
CA PHE B 127 5.01 3.94 -3.69
C PHE B 127 5.67 2.68 -3.17
N ARG B 128 5.19 2.15 -2.03
CA ARG B 128 5.84 0.99 -1.42
C ARG B 128 5.90 -0.19 -2.39
N ASP B 129 4.96 -0.26 -3.34
CA ASP B 129 4.92 -1.37 -4.29
C ASP B 129 5.77 -1.11 -5.55
N ALA B 130 6.26 0.11 -5.75
CA ALA B 130 7.02 0.47 -6.94
C ALA B 130 8.49 0.12 -6.79
N MET B 131 9.11 -0.24 -7.92
CA MET B 131 10.55 -0.47 -8.06
C MET B 131 11.26 0.61 -8.87
N GLY B 132 10.52 1.52 -9.50
CA GLY B 132 11.07 2.64 -10.23
C GLY B 132 9.96 3.65 -10.37
N PHE B 133 10.26 4.78 -10.99
CA PHE B 133 9.23 5.80 -11.09
C PHE B 133 9.34 6.55 -12.41
N LEU B 134 8.19 7.01 -12.87
CA LEU B 134 8.05 7.80 -14.08
C LEU B 134 7.50 9.14 -13.64
N LEU B 135 8.35 10.13 -13.54
CA LEU B 135 7.90 11.42 -13.10
C LEU B 135 7.57 12.25 -14.32
N LEU B 136 6.35 12.74 -14.38
CA LEU B 136 5.85 13.40 -15.57
C LEU B 136 5.60 14.87 -15.30
N PHE B 137 6.05 15.71 -16.23
CA PHE B 137 5.51 17.05 -16.28
C PHE B 137 4.98 17.36 -17.68
N ASP B 138 4.34 18.51 -17.79
CA ASP B 138 3.62 18.96 -18.95
C ASP B 138 4.44 20.10 -19.57
N LEU B 139 5.11 19.78 -20.70
CA LEU B 139 5.96 20.76 -21.39
C LEU B 139 5.22 22.05 -21.66
N THR B 140 3.90 22.01 -21.69
CA THR B 140 3.09 23.20 -21.93
C THR B 140 2.68 23.93 -20.65
N ASN B 141 3.10 23.47 -19.48
CA ASN B 141 2.69 24.11 -18.22
C ASN B 141 3.91 24.23 -17.30
N GLU B 142 4.39 25.45 -17.11
CA GLU B 142 5.62 25.64 -16.35
C GLU B 142 5.45 25.12 -14.92
N GLN B 143 4.29 25.35 -14.32
CA GLN B 143 4.10 24.90 -12.95
C GLN B 143 4.27 23.39 -12.82
N SER B 144 3.95 22.64 -13.87
CA SER B 144 4.27 21.22 -13.90
C SER B 144 5.77 21.05 -13.70
N PHE B 145 6.54 21.81 -14.46
CA PHE B 145 7.99 21.73 -14.38
C PHE B 145 8.48 22.12 -12.99
N LEU B 146 8.01 23.26 -12.48
CA LEU B 146 8.48 23.75 -11.19
C LEU B 146 8.18 22.76 -10.06
N ASN B 147 6.96 22.23 -10.03
CA ASN B 147 6.63 21.29 -8.98
C ASN B 147 7.38 19.97 -9.10
N VAL B 148 8.26 19.81 -10.09
CA VAL B 148 8.97 18.53 -10.26
C VAL B 148 9.91 18.28 -9.08
N ARG B 149 10.57 19.33 -8.58
CA ARG B 149 11.47 19.19 -7.43
C ARG B 149 10.75 18.53 -6.26
N ASN B 150 9.60 19.08 -5.86
CA ASN B 150 8.82 18.53 -4.76
C ASN B 150 8.49 17.06 -4.98
N TRP B 151 8.10 16.70 -6.22
CA TRP B 151 7.77 15.31 -6.51
C TRP B 151 8.95 14.41 -6.20
N ILE B 152 10.17 14.86 -6.54
CA ILE B 152 11.37 14.06 -6.28
C ILE B 152 11.60 13.94 -4.79
N SER B 153 11.59 15.08 -4.08
CA SER B 153 11.54 15.10 -2.63
C SER B 153 10.59 14.03 -2.09
N GLN B 154 9.35 14.06 -2.58
CA GLN B 154 8.34 13.11 -2.13
C GLN B 154 8.78 11.67 -2.34
N LEU B 155 9.64 11.42 -3.33
CA LEU B 155 9.98 10.05 -3.69
C LEU B 155 11.15 9.52 -2.88
N GLN B 156 12.14 10.37 -2.59
CA GLN B 156 13.19 9.94 -1.67
C GLN B 156 12.58 9.69 -0.31
N MET B 157 11.65 10.54 0.11
CA MET B 157 11.04 10.45 1.43
C MET B 157 10.14 9.24 1.60
N HIS B 158 9.55 8.73 0.52
CA HIS B 158 8.53 7.69 0.64
C HIS B 158 8.82 6.40 -0.13
N ALA B 159 9.74 6.39 -1.08
CA ALA B 159 10.07 5.14 -1.74
C ALA B 159 10.84 4.26 -0.78
N TYR B 160 11.14 3.03 -1.20
CA TYR B 160 11.70 2.05 -0.28
C TYR B 160 13.18 1.83 -0.51
N ALA B 161 13.84 2.76 -1.17
CA ALA B 161 15.28 2.92 -1.13
C ALA B 161 15.56 4.41 -1.15
N GLU B 162 16.65 4.80 -0.50
CA GLU B 162 16.94 6.21 -0.30
C GLU B 162 17.05 6.94 -1.63
N ASN B 163 17.68 6.31 -2.64
CA ASN B 163 17.93 6.90 -3.95
C ASN B 163 17.15 6.11 -5.00
N PRO B 164 15.85 6.36 -5.13
CA PRO B 164 15.02 5.51 -5.97
C PRO B 164 15.17 5.84 -7.45
N ASP B 165 15.17 4.81 -8.29
CA ASP B 165 15.30 5.02 -9.73
C ASP B 165 14.12 5.85 -10.26
N ILE B 166 14.43 6.97 -10.93
CA ILE B 166 13.43 7.84 -11.52
C ILE B 166 13.85 8.15 -12.95
N VAL B 167 12.88 8.07 -13.88
CA VAL B 167 13.02 8.69 -15.20
C VAL B 167 12.03 9.84 -15.27
N LEU B 168 12.54 11.02 -15.63
CA LEU B 168 11.69 12.17 -15.85
C LEU B 168 11.21 12.22 -17.31
N CYS B 169 10.02 12.78 -17.53
CA CYS B 169 9.42 12.94 -18.85
C CYS B 169 8.76 14.30 -18.96
N GLY B 170 9.21 15.06 -19.95
CA GLY B 170 8.51 16.27 -20.30
C GLY B 170 7.51 15.91 -21.35
N ASN B 171 6.29 15.56 -20.93
CA ASN B 171 5.29 15.01 -21.82
C ASN B 171 4.60 16.11 -22.60
N LYS B 172 3.83 15.68 -23.61
CA LYS B 172 3.11 16.53 -24.55
C LYS B 172 4.06 17.22 -25.52
N SER B 173 5.15 16.54 -25.89
CA SER B 173 6.10 17.07 -26.86
C SER B 173 5.48 17.37 -28.22
N ASP B 174 4.24 16.97 -28.46
CA ASP B 174 3.59 17.21 -29.73
C ASP B 174 2.93 18.57 -29.79
N LEU B 175 3.04 19.37 -28.74
CA LEU B 175 2.34 20.65 -28.70
C LEU B 175 3.38 21.76 -28.67
N GLU B 176 4.14 21.88 -29.74
CA GLU B 176 5.25 22.82 -29.72
C GLU B 176 4.77 24.26 -29.72
N ASP B 177 3.68 24.56 -30.42
CA ASP B 177 3.24 25.94 -30.52
C ASP B 177 2.76 26.47 -29.15
N GLN B 178 2.88 25.64 -28.10
CA GLN B 178 2.56 26.04 -26.73
C GLN B 178 3.47 25.34 -25.73
N ARG B 179 4.77 25.31 -26.01
CA ARG B 179 5.73 24.68 -25.11
C ARG B 179 6.51 25.76 -24.37
N VAL B 180 6.33 25.82 -23.05
CA VAL B 180 6.89 26.90 -22.25
C VAL B 180 8.03 26.45 -21.37
N VAL B 181 8.34 25.16 -21.32
CA VAL B 181 9.49 24.67 -20.58
C VAL B 181 10.64 24.49 -21.54
N LYS B 182 11.71 25.24 -21.34
CA LYS B 182 12.86 25.12 -22.22
C LYS B 182 13.61 23.83 -21.91
N GLU B 183 13.86 23.03 -22.96
CA GLU B 183 14.65 21.81 -22.82
C GLU B 183 15.94 22.03 -22.03
N GLU B 184 16.54 23.22 -22.16
CA GLU B 184 17.71 23.56 -21.35
C GLU B 184 17.42 23.42 -19.87
N GLU B 185 16.39 24.11 -19.40
CA GLU B 185 16.02 24.04 -17.99
C GLU B 185 15.68 22.62 -17.57
N ALA B 186 15.05 21.85 -18.45
CA ALA B 186 14.65 20.50 -18.07
C ALA B 186 15.84 19.56 -18.03
N ILE B 187 16.74 19.66 -19.01
CA ILE B 187 17.93 18.81 -18.97
C ILE B 187 18.79 19.19 -17.79
N ALA B 188 18.88 20.49 -17.49
CA ALA B 188 19.64 20.96 -16.34
C ALA B 188 19.07 20.39 -15.05
N LEU B 189 17.74 20.38 -14.91
CA LEU B 189 17.16 19.79 -13.71
C LEU B 189 17.45 18.30 -13.64
N ALA B 190 17.44 17.61 -14.78
CA ALA B 190 17.67 16.17 -14.74
C ALA B 190 19.13 15.88 -14.43
N GLU B 191 20.05 16.69 -14.96
CA GLU B 191 21.47 16.49 -14.69
C GLU B 191 21.81 16.75 -13.22
N LYS B 192 21.09 17.69 -12.59
CA LYS B 192 21.36 18.04 -11.20
C LYS B 192 21.05 16.86 -10.28
N TYR B 193 20.10 16.01 -10.66
CA TYR B 193 19.73 14.85 -9.85
C TYR B 193 20.26 13.53 -10.40
N GLY B 194 20.85 13.52 -11.58
CA GLY B 194 21.27 12.25 -12.16
C GLY B 194 20.12 11.36 -12.59
N ILE B 195 19.05 11.96 -13.12
CA ILE B 195 17.90 11.19 -13.60
C ILE B 195 17.79 11.34 -15.10
N PRO B 196 17.57 10.25 -15.82
CA PRO B 196 17.37 10.35 -17.26
C PRO B 196 16.19 11.25 -17.61
N TYR B 197 16.35 12.02 -18.68
CA TYR B 197 15.27 12.82 -19.21
C TYR B 197 14.81 12.23 -20.53
N PHE B 198 13.50 12.29 -20.81
CA PHE B 198 12.96 12.16 -22.16
C PHE B 198 11.82 13.14 -22.35
N GLU B 199 11.78 13.79 -23.52
CA GLU B 199 10.61 14.54 -23.93
C GLU B 199 9.68 13.62 -24.70
N THR B 200 8.40 13.60 -24.33
CA THR B 200 7.46 12.59 -24.81
C THR B 200 6.16 13.23 -25.29
N SER B 201 5.40 12.45 -26.07
CA SER B 201 4.06 12.82 -26.52
C SER B 201 3.13 11.65 -26.24
N ALA B 202 1.98 11.88 -25.57
CA ALA B 202 1.13 10.68 -25.52
C ALA B 202 0.24 10.56 -26.74
N ALA B 203 0.04 11.67 -27.46
CA ALA B 203 -0.57 11.68 -28.77
C ALA B 203 0.05 10.60 -29.66
N ASN B 204 1.32 10.76 -30.02
CA ASN B 204 1.91 9.98 -31.09
C ASN B 204 3.03 9.05 -30.67
N GLY B 205 3.38 9.00 -29.39
CA GLY B 205 4.23 7.92 -28.90
C GLY B 205 5.71 8.18 -28.89
N THR B 206 6.14 9.40 -29.19
CA THR B 206 7.57 9.71 -29.18
C THR B 206 8.18 9.36 -27.83
N ASN B 207 9.20 8.50 -27.86
CA ASN B 207 10.01 8.15 -26.69
C ASN B 207 9.25 7.43 -25.59
N ILE B 208 7.92 7.27 -25.74
CA ILE B 208 7.14 6.48 -24.79
C ILE B 208 7.80 5.12 -24.54
N SER B 209 8.31 4.48 -25.60
CA SER B 209 8.98 3.20 -25.36
C SER B 209 10.37 3.41 -24.80
N GLN B 210 11.11 4.37 -25.37
CA GLN B 210 12.49 4.61 -24.94
C GLN B 210 12.54 4.92 -23.46
N ALA B 211 11.58 5.70 -23.00
CA ALA B 211 11.60 6.21 -21.63
C ALA B 211 11.32 5.09 -20.62
N ILE B 212 10.24 4.32 -20.81
CA ILE B 212 9.97 3.33 -19.75
C ILE B 212 11.00 2.22 -19.80
N GLU B 213 11.48 1.88 -21.00
CA GLU B 213 12.50 0.86 -21.11
C GLU B 213 13.76 1.28 -20.38
N MET B 214 14.09 2.57 -20.43
CA MET B 214 15.17 3.09 -19.61
C MET B 214 14.97 2.74 -18.14
N LEU B 215 13.81 3.10 -17.56
CA LEU B 215 13.47 2.69 -16.21
C LEU B 215 13.70 1.20 -16.02
N LEU B 216 13.18 0.38 -16.93
CA LEU B 216 13.36 -1.07 -16.83
C LEU B 216 14.83 -1.44 -16.73
N ASP B 217 15.66 -0.85 -17.58
CA ASP B 217 17.09 -1.11 -17.50
C ASP B 217 17.64 -0.68 -16.15
N LEU B 218 17.43 0.60 -15.80
CA LEU B 218 17.80 1.11 -14.49
C LEU B 218 17.31 0.21 -13.35
N ILE B 219 16.14 -0.41 -13.54
CA ILE B 219 15.59 -1.27 -12.50
C ILE B 219 16.21 -2.66 -12.57
N MET B 220 16.24 -3.26 -13.77
CA MET B 220 16.82 -4.60 -13.93
C MET B 220 18.29 -4.61 -13.55
N LYS B 221 19.02 -3.54 -13.87
CA LYS B 221 20.45 -3.46 -13.55
C LYS B 221 20.68 -3.35 -12.05
N ARG B 222 19.74 -2.73 -11.34
CA ARG B 222 19.85 -2.59 -9.89
C ARG B 222 19.71 -3.93 -9.18
N MET B 223 18.97 -4.86 -9.78
CA MET B 223 18.82 -6.20 -9.22
C MET B 223 20.07 -7.06 -9.41
N GLU B 224 20.87 -6.80 -10.45
CA GLU B 224 22.12 -7.52 -10.64
C GLU B 224 23.24 -6.95 -9.80
N ARG B 225 22.97 -5.89 -9.04
CA ARG B 225 23.85 -5.46 -7.96
C ARG B 225 23.60 -6.25 -6.67
N SER B 226 22.44 -6.91 -6.55
CA SER B 226 22.09 -7.71 -5.38
C SER B 226 23.16 -8.75 -5.04
PG GNP C . -11.96 3.75 14.90
O1G GNP C . -12.05 3.07 13.56
O2G GNP C . -10.53 4.28 15.13
O3G GNP C . -13.01 4.90 14.93
N3B GNP C . -12.41 2.53 15.99
PB GNP C . -11.50 1.90 17.19
O1B GNP C . -10.01 2.00 16.96
O2B GNP C . -11.82 0.43 17.29
O3A GNP C . -11.96 2.80 18.50
PA GNP C . -11.34 2.79 19.97
O1A GNP C . -10.99 1.35 20.30
O2A GNP C . -10.20 3.72 20.11
O5' GNP C . -12.55 3.24 20.85
C5' GNP C . -13.56 2.30 21.28
C4' GNP C . -14.26 3.00 22.41
O4' GNP C . -14.55 2.05 23.47
C3' GNP C . -13.39 4.03 23.10
O3' GNP C . -14.21 4.88 23.87
C2' GNP C . -12.51 3.13 23.96
O2' GNP C . -11.99 3.92 25.03
C1' GNP C . -13.52 2.08 24.43
N9 GNP C . -13.00 0.72 24.57
C8 GNP C . -12.22 0.03 23.69
N7 GNP C . -11.97 -1.21 24.07
C5 GNP C . -12.64 -1.33 25.28
C6 GNP C . -12.74 -2.45 26.21
O6 GNP C . -12.24 -3.57 26.11
N1 GNP C . -13.54 -2.14 27.29
C2 GNP C . -14.14 -0.93 27.51
N2 GNP C . -14.86 -0.81 28.62
N3 GNP C . -14.03 0.10 26.68
C4 GNP C . -13.29 -0.17 25.59
C10 WTB D . -6.40 -18.08 9.85
C11 WTB D . -6.04 -18.82 11.14
C12 WTB D . -4.82 -19.19 11.37
C15 WTB D . -4.79 -25.17 9.84
C16 WTB D . -5.96 -25.57 9.41
C17 WTB D . -5.66 -26.47 8.19
C18 WTB D . -4.23 -26.07 7.73
C19 WTB D . -4.11 -26.10 10.91
C21 WTB D . -6.27 -27.05 12.09
C22 WTB D . -6.96 -28.16 11.57
C23 WTB D . -8.34 -28.27 11.72
C03 WTB D . -3.75 -22.09 8.03
C04 WTB D . -3.23 -20.88 7.44
C05 WTB D . -3.97 -19.72 7.58
C06 WTB D . -5.20 -19.73 8.29
C07 WTB D . -5.67 -20.91 8.83
C08 WTB D . -4.91 -22.09 8.70
C25 WTB D . -8.60 -30.73 11.67
C26 WTB D . -9.05 -27.28 12.39
C27 WTB D . -8.38 -26.18 12.90
C28 WTB D . -6.99 -26.07 12.75
N09 WTB D . -6.00 -18.54 8.48
N14 WTB D . -3.91 -25.03 8.46
N20 WTB D . -4.83 -26.94 11.93
O01 WTB D . -2.28 -23.94 6.64
O13 WTB D . -7.09 -17.06 9.96
O24 WTB D . -9.05 -29.44 11.18
O29 WTB D . -2.91 -26.13 10.92
O30 WTB D . -1.68 -23.68 8.79
S02 WTB D . -2.86 -23.72 7.94
C1 GOL E . -3.25 7.82 21.69
O1 GOL E . -2.62 8.28 22.87
C2 GOL E . -2.71 6.38 21.40
O2 GOL E . -3.22 5.49 22.32
C3 GOL E . -3.11 6.01 19.91
O3 GOL E . -2.32 6.78 19.04
C1 GOL F . -16.79 6.48 23.79
O1 GOL F . -17.60 6.33 22.60
C2 GOL F . -17.31 7.67 24.71
O2 GOL F . -18.22 7.22 25.70
C3 GOL F . -16.04 8.28 25.39
O3 GOL F . -15.61 9.37 24.61
C1 GOL G . -8.40 6.16 21.55
O1 GOL G . -9.75 6.03 21.64
C2 GOL G . -7.85 6.04 22.98
O2 GOL G . -7.79 4.70 23.41
C3 GOL G . -6.44 6.59 22.87
O3 GOL G . -5.72 5.57 22.24
C1 GOL H . -15.83 2.16 29.08
O1 GOL H . -16.97 2.37 29.83
C2 GOL H . -16.11 2.90 27.76
O2 GOL H . -15.53 2.29 26.72
C3 GOL H . -15.53 4.29 27.98
O3 GOL H . -15.80 4.58 29.32
MG MG I . -8.81 3.31 16.59
C10 WTB J . 14.07 1.92 -6.34
C11 WTB J . 12.61 2.39 -6.37
C12 WTB J . 12.05 2.95 -5.34
C15 WTB J . 9.25 -5.93 -4.21
C16 WTB J . 9.66 -6.55 -5.30
C17 WTB J . 11.19 -6.28 -5.39
C18 WTB J . 11.48 -5.13 -4.38
C19 WTB J . 9.38 -6.85 -2.93
C21 WTB J . 7.74 -9.07 -3.16
C22 WTB J . 6.69 -8.79 -4.06
C23 WTB J . 5.85 -9.85 -4.44
C03 WTB J . 11.28 -1.84 -4.26
C04 WTB J . 12.07 -2.18 -5.41
C05 WTB J . 13.08 -1.36 -5.83
C06 WTB J . 13.35 -0.17 -5.16
C07 WTB J . 12.60 0.19 -4.04
C08 WTB J . 11.54 -0.67 -3.61
C25 WTB J . 3.99 -10.88 -5.65
C26 WTB J . 6.03 -11.14 -3.94
C27 WTB J . 7.05 -11.40 -3.05
C28 WTB J . 7.89 -10.35 -2.67
N09 WTB J . 14.41 0.63 -5.70
N14 WTB J . 10.29 -4.66 -4.06
N20 WTB J . 8.70 -8.14 -2.60
O01 WTB J . 9.60 -2.77 -2.31
O13 WTB J . 14.96 2.60 -6.85
O24 WTB J . 4.74 -9.66 -5.38
O29 WTB J . 10.12 -6.49 -2.06
O30 WTB J . 8.65 -2.62 -4.29
S02 WTB J . 9.91 -2.98 -3.71
PG GNP K . -4.52 12.54 -13.71
O1G GNP K . -3.31 12.83 -12.88
O2G GNP K . -5.71 13.28 -13.13
O3G GNP K . -4.74 11.00 -13.83
N3B GNP K . -4.26 13.21 -15.26
PB GNP K . -2.99 12.75 -16.17
O1B GNP K . -2.81 11.27 -16.02
O2B GNP K . -1.72 13.49 -15.78
O3A GNP K . -3.31 13.20 -17.73
PA GNP K . -4.26 12.43 -18.74
O1A GNP K . -5.62 12.25 -18.06
O2A GNP K . -3.63 11.15 -19.24
O5' GNP K . -4.46 13.53 -19.85
C5' GNP K . -4.38 14.93 -19.55
C4' GNP K . -4.91 15.65 -20.77
O4' GNP K . -3.83 15.92 -21.69
C3' GNP K . -5.96 14.89 -21.56
O3' GNP K . -6.93 15.76 -22.12
C2' GNP K . -5.12 14.17 -22.63
O2' GNP K . -5.87 13.90 -23.81
C1' GNP K . -3.99 15.16 -22.89
N9 GNP K . -2.70 14.51 -23.20
C8 GNP K . -2.13 13.52 -22.45
N7 GNP K . -1.00 13.06 -22.94
C5 GNP K . -0.81 13.78 -24.11
C6 GNP K . 0.26 13.74 -25.09
O6 GNP K . 1.33 12.93 -25.14
N1 GNP K . 0.03 14.65 -26.10
C2 GNP K . -1.07 15.49 -26.20
N2 GNP K . -1.12 16.29 -27.27
N3 GNP K . -2.05 15.54 -25.29
C4 GNP K . -1.86 14.68 -24.29
C1 GOL L . 18.89 11.22 -22.01
O1 GOL L . 18.83 10.05 -22.81
C2 GOL L . 18.85 10.74 -20.51
O2 GOL L . 19.45 9.51 -20.34
C3 GOL L . 19.56 11.88 -19.63
O3 GOL L . 19.45 13.12 -20.29
C1 GOL M . 18.11 7.91 -10.01
O1 GOL M . 17.68 7.92 -8.68
C2 GOL M . 19.42 7.10 -10.04
O2 GOL M . 19.59 6.48 -11.26
C3 GOL M . 20.57 8.12 -9.66
O3 GOL M . 21.74 7.38 -9.42
C1 GOL N . -6.95 9.95 -20.40
O1 GOL N . -7.84 10.90 -19.87
C2 GOL N . -7.79 8.76 -20.94
O2 GOL N . -8.60 9.14 -22.01
C3 GOL N . -6.74 7.72 -21.37
O3 GOL N . -7.39 6.47 -21.31
C1 GOL O . 7.34 14.45 -31.30
O1 GOL O . 6.16 14.93 -30.74
C2 GOL O . 8.07 15.65 -31.90
O2 GOL O . 7.28 16.78 -31.80
C3 GOL O . 8.33 15.28 -33.38
O3 GOL O . 9.51 14.55 -33.40
C1 GOL P . 15.71 24.94 -10.27
O1 GOL P . 14.44 24.39 -10.46
C2 GOL P . 16.34 24.28 -8.99
O2 GOL P . 15.64 24.55 -7.82
C3 GOL P . 17.72 24.90 -8.90
O3 GOL P . 18.31 24.27 -7.80
C1 GOL Q . 18.94 11.91 -6.90
O1 GOL Q . 20.20 11.38 -7.11
C2 GOL Q . 18.01 10.85 -7.36
O2 GOL Q . 17.82 10.88 -8.69
C3 GOL Q . 16.75 10.96 -6.54
O3 GOL Q . 16.87 9.99 -5.57
MG MG R . -4.53 10.21 -15.59
#